data_7ON7
#
_entry.id   7ON7
#
_cell.length_a   79.960
_cell.length_b   45.400
_cell.length_c   81.620
_cell.angle_alpha   90.000
_cell.angle_beta   114.720
_cell.angle_gamma   90.000
#
_symmetry.space_group_name_H-M   'P 1 21 1'
#
loop_
_entity.id
_entity.type
_entity.pdbx_description
1 polymer SAKe6BE-L2
2 water water
#
_entity_poly.entity_id   1
_entity_poly.type   'polypeptide(L)'
_entity_poly.pdbx_seq_one_letter_code
;GSHMNGLIYAVGGYDGSPDYSTGTHLNSVEAYDPERNEWSLVAPLSTRRSGVGVAVLNGLIYAVGGYDGSPDYSTGTHLN
SVEAYDPERNEWSLVAPLSTRRSGVGVAVLNGLIYAVGGYDGSPDYSTGTHLNSVEAYDPERNEWSLVAPLSTRRSGVGV
AVLNGLIYAVGGYDGSPDYSTGTHLNSVEAYDPERNEWSLVAPLSTRRSGVGVAVLNGLIYAVGGYDGSPDYSTGTHLNS
VEAYDPERNEWSLVAPLSTRRSGVGVAVLNGLIYAVGGYDGSPDYSTGTHLNSVEAYDPERNEWSLVAPLSTRRSGVGVA
VL
;
_entity_poly.pdbx_strand_id   A,B
#
# COMPACT_ATOMS: atom_id res chain seq x y z
N GLY A 6 1.57 10.93 -3.00
CA GLY A 6 1.11 10.23 -4.18
C GLY A 6 1.76 10.72 -5.46
N LEU A 7 3.09 10.67 -5.52
CA LEU A 7 3.84 11.13 -6.67
C LEU A 7 4.90 10.10 -7.04
N ILE A 8 5.24 10.05 -8.33
CA ILE A 8 6.28 9.16 -8.81
C ILE A 8 7.59 9.94 -8.88
N TYR A 9 8.62 9.40 -8.24
CA TYR A 9 9.94 10.01 -8.21
C TYR A 9 10.89 9.22 -9.09
N ALA A 10 11.57 9.92 -10.00
CA ALA A 10 12.61 9.33 -10.85
C ALA A 10 13.95 9.80 -10.32
N VAL A 11 14.70 8.88 -9.72
CA VAL A 11 15.91 9.20 -8.97
C VAL A 11 17.12 8.79 -9.79
N GLY A 12 17.96 9.78 -10.12
CA GLY A 12 19.23 9.50 -10.77
C GLY A 12 19.06 8.93 -12.17
N GLY A 13 20.04 8.12 -12.57
CA GLY A 13 20.03 7.52 -13.89
C GLY A 13 21.23 7.90 -14.72
N TYR A 14 21.13 7.71 -16.03
CA TYR A 14 22.22 8.02 -16.95
C TYR A 14 21.64 8.65 -18.20
N ASP A 15 22.20 9.79 -18.59
CA ASP A 15 21.74 10.51 -19.78
C ASP A 15 22.49 10.01 -21.02
N THR A 24 25.83 11.53 -19.30
CA THR A 24 26.31 11.90 -17.96
C THR A 24 25.50 11.18 -16.88
N HIS A 25 26.19 10.76 -15.82
CA HIS A 25 25.53 10.12 -14.70
C HIS A 25 24.83 11.16 -13.84
N LEU A 26 23.54 10.97 -13.62
CA LEU A 26 22.68 12.02 -13.08
C LEU A 26 22.58 11.97 -11.57
N ASN A 27 22.56 13.16 -10.96
CA ASN A 27 22.22 13.31 -9.55
C ASN A 27 20.87 13.98 -9.35
N SER A 28 20.21 14.39 -10.43
CA SER A 28 18.95 15.10 -10.34
C SER A 28 17.78 14.13 -10.12
N VAL A 29 16.71 14.64 -9.52
CA VAL A 29 15.52 13.86 -9.23
C VAL A 29 14.31 14.70 -9.63
N GLU A 30 13.36 14.09 -10.33
CA GLU A 30 12.12 14.76 -10.70
C GLU A 30 10.93 13.93 -10.27
N ALA A 31 9.85 14.62 -9.89
CA ALA A 31 8.62 14.00 -9.40
C ALA A 31 7.49 14.19 -10.39
N TYR A 32 6.60 13.20 -10.45
CA TYR A 32 5.49 13.18 -11.40
C TYR A 32 4.17 13.32 -10.67
N ASP A 33 3.34 14.27 -11.11
CA ASP A 33 1.99 14.43 -10.59
C ASP A 33 1.02 13.83 -11.59
N PRO A 34 0.38 12.69 -11.28
CA PRO A 34 -0.54 12.09 -12.27
C PRO A 34 -1.80 12.89 -12.48
N GLU A 35 -2.29 13.61 -11.47
CA GLU A 35 -3.49 14.41 -11.64
C GLU A 35 -3.25 15.58 -12.59
N ARG A 36 -2.02 16.07 -12.68
CA ARG A 36 -1.67 17.16 -13.57
C ARG A 36 -0.84 16.73 -14.77
N ASN A 37 -0.32 15.50 -14.78
CA ASN A 37 0.49 14.98 -15.87
C ASN A 37 1.69 15.89 -16.14
N GLU A 38 2.50 16.07 -15.10
CA GLU A 38 3.61 17.02 -15.14
C GLU A 38 4.76 16.50 -14.30
N TRP A 39 5.97 16.63 -14.84
CA TRP A 39 7.20 16.31 -14.11
C TRP A 39 7.82 17.59 -13.58
N SER A 40 8.28 17.55 -12.33
CA SER A 40 8.86 18.71 -11.69
C SER A 40 10.13 18.32 -10.94
N LEU A 41 11.15 19.16 -11.04
CA LEU A 41 12.41 18.91 -10.34
C LEU A 41 12.24 19.07 -8.84
N VAL A 42 12.93 18.21 -8.09
CA VAL A 42 13.02 18.34 -6.64
C VAL A 42 14.49 18.43 -6.26
N ALA A 43 14.79 18.29 -4.97
CA ALA A 43 16.16 18.41 -4.50
C ALA A 43 17.03 17.31 -5.11
N PRO A 44 18.21 17.62 -5.61
CA PRO A 44 19.06 16.60 -6.23
C PRO A 44 19.79 15.77 -5.19
N LEU A 45 20.22 14.59 -5.63
CA LEU A 45 21.03 13.72 -4.77
C LEU A 45 22.35 14.40 -4.45
N SER A 46 22.94 13.99 -3.32
CA SER A 46 24.28 14.47 -2.97
C SER A 46 25.36 13.80 -3.81
N THR A 47 25.03 12.74 -4.53
CA THR A 47 25.98 12.04 -5.37
C THR A 47 25.26 11.56 -6.63
N ARG A 48 25.98 11.57 -7.75
CA ARG A 48 25.44 11.03 -8.98
C ARG A 48 25.26 9.52 -8.84
N ARG A 49 24.10 9.01 -9.27
CA ARG A 49 23.75 7.61 -9.08
C ARG A 49 23.05 7.09 -10.34
N SER A 50 23.72 6.21 -11.07
CA SER A 50 23.12 5.46 -12.15
C SER A 50 23.07 3.99 -11.74
N GLY A 51 22.04 3.29 -12.21
CA GLY A 51 21.82 1.92 -11.74
C GLY A 51 21.55 1.86 -10.25
N VAL A 52 20.75 2.79 -9.75
CA VAL A 52 20.50 2.93 -8.32
C VAL A 52 19.17 2.26 -7.97
N GLY A 53 19.12 1.64 -6.80
CA GLY A 53 17.88 1.09 -6.27
C GLY A 53 17.26 2.05 -5.29
N VAL A 54 15.94 2.23 -5.41
CA VAL A 54 15.20 3.14 -4.55
C VAL A 54 13.99 2.41 -3.97
N ALA A 55 13.66 2.75 -2.73
CA ALA A 55 12.50 2.17 -2.06
C ALA A 55 11.93 3.21 -1.10
N VAL A 56 10.70 2.97 -0.65
CA VAL A 56 10.01 3.88 0.25
C VAL A 56 9.73 3.15 1.56
N LEU A 57 10.13 3.77 2.67
CA LEU A 57 9.89 3.21 3.99
C LEU A 57 9.62 4.35 4.97
N ASN A 58 8.48 4.30 5.64
CA ASN A 58 8.11 5.28 6.67
C ASN A 58 8.12 6.70 6.11
N GLY A 59 7.63 6.86 4.87
CA GLY A 59 7.53 8.18 4.28
C GLY A 59 8.84 8.78 3.83
N LEU A 60 9.84 7.95 3.55
CA LEU A 60 11.14 8.41 3.09
C LEU A 60 11.58 7.58 1.90
N ILE A 61 12.23 8.22 0.93
CA ILE A 61 12.78 7.55 -0.24
C ILE A 61 14.26 7.31 0.00
N TYR A 62 14.68 6.06 -0.05
CA TYR A 62 16.06 5.68 0.14
C TYR A 62 16.69 5.38 -1.22
N ALA A 63 17.75 6.09 -1.57
CA ALA A 63 18.53 5.84 -2.78
C ALA A 63 19.72 4.98 -2.39
N VAL A 64 19.68 3.72 -2.80
CA VAL A 64 20.65 2.72 -2.34
C VAL A 64 21.67 2.48 -3.44
N GLY A 65 22.95 2.68 -3.13
CA GLY A 65 24.04 2.35 -4.03
C GLY A 65 23.98 3.16 -5.32
N GLY A 66 24.59 2.60 -6.36
CA GLY A 66 24.63 3.21 -7.67
C GLY A 66 26.04 3.31 -8.18
N TYR A 67 26.19 4.04 -9.28
CA TYR A 67 27.50 4.25 -9.91
C TYR A 67 27.64 5.73 -10.25
N ASP A 68 28.76 6.33 -9.85
CA ASP A 68 29.01 7.73 -10.12
C ASP A 68 29.51 7.93 -11.56
CA GLY A 76 34.08 5.59 -12.03
C GLY A 76 34.16 4.88 -10.68
N THR A 77 33.12 5.06 -9.86
CA THR A 77 33.09 4.50 -8.51
C THR A 77 31.75 3.83 -8.29
N HIS A 78 31.77 2.55 -7.93
CA HIS A 78 30.57 1.86 -7.49
C HIS A 78 30.31 2.21 -6.03
N LEU A 79 29.11 2.70 -5.75
CA LEU A 79 28.81 3.32 -4.48
C LEU A 79 28.27 2.32 -3.47
N ASN A 80 28.62 2.53 -2.20
CA ASN A 80 28.01 1.83 -1.09
C ASN A 80 27.16 2.74 -0.21
N SER A 81 27.11 4.03 -0.53
CA SER A 81 26.40 5.01 0.28
C SER A 81 24.90 4.97 -0.01
N VAL A 82 24.12 5.40 0.99
CA VAL A 82 22.67 5.46 0.90
C VAL A 82 22.22 6.80 1.44
N GLU A 83 21.28 7.46 0.74
CA GLU A 83 20.72 8.71 1.20
C GLU A 83 19.20 8.63 1.19
N ALA A 84 18.58 9.33 2.14
CA ALA A 84 17.14 9.33 2.33
C ALA A 84 16.57 10.70 2.01
N TYR A 85 15.44 10.71 1.30
CA TYR A 85 14.79 11.94 0.86
C TYR A 85 13.52 12.18 1.68
N ASP A 86 13.38 13.40 2.22
CA ASP A 86 12.20 13.79 2.95
C ASP A 86 11.31 14.64 2.05
N PRO A 87 10.14 14.16 1.59
CA PRO A 87 9.34 14.97 0.65
C PRO A 87 8.66 16.19 1.28
N GLU A 88 8.55 16.19 2.61
CA GLU A 88 7.88 17.33 3.29
C GLU A 88 8.88 18.49 3.37
N ARG A 89 10.17 18.16 3.48
CA ARG A 89 11.23 19.18 3.65
C ARG A 89 12.08 19.33 2.37
N ASN A 90 11.88 18.42 1.41
CA ASN A 90 12.66 18.45 0.16
C ASN A 90 14.16 18.46 0.48
N GLU A 91 14.61 17.37 1.11
CA GLU A 91 15.99 17.27 1.58
C GLU A 91 16.46 15.82 1.45
N TRP A 92 17.67 15.64 0.94
CA TRP A 92 18.34 14.35 0.92
C TRP A 92 19.32 14.28 2.09
N SER A 93 19.24 13.20 2.87
CA SER A 93 20.08 13.02 4.05
C SER A 93 20.80 11.69 3.97
N LEU A 94 22.12 11.72 4.18
CA LEU A 94 22.90 10.50 4.15
C LEU A 94 22.60 9.63 5.36
N VAL A 95 22.53 8.31 5.14
CA VAL A 95 22.37 7.34 6.21
C VAL A 95 23.51 6.34 6.15
N ALA A 96 23.37 5.23 6.86
CA ALA A 96 24.46 4.27 6.96
C ALA A 96 24.74 3.64 5.60
N PRO A 97 26.00 3.42 5.24
CA PRO A 97 26.31 2.84 3.94
C PRO A 97 26.19 1.32 3.95
N LEU A 98 26.07 0.77 2.74
CA LEU A 98 26.07 -0.68 2.59
C LEU A 98 27.43 -1.26 2.96
N SER A 99 27.43 -2.54 3.33
CA SER A 99 28.68 -3.23 3.59
C SER A 99 29.43 -3.55 2.31
N THR A 100 28.76 -3.54 1.17
CA THR A 100 29.37 -3.83 -0.12
C THR A 100 28.86 -2.82 -1.13
N ARG A 101 29.76 -2.33 -1.99
CA ARG A 101 29.35 -1.42 -3.05
C ARG A 101 28.51 -2.17 -4.08
N ARG A 102 27.37 -1.59 -4.44
CA ARG A 102 26.40 -2.26 -5.31
C ARG A 102 25.88 -1.29 -6.35
N SER A 103 26.06 -1.64 -7.62
CA SER A 103 25.43 -0.93 -8.73
C SER A 103 24.54 -1.89 -9.49
N GLY A 104 23.43 -1.38 -10.02
CA GLY A 104 22.44 -2.26 -10.62
C GLY A 104 21.80 -3.17 -9.58
N VAL A 105 21.55 -2.65 -8.40
CA VAL A 105 21.03 -3.42 -7.27
C VAL A 105 19.52 -3.28 -7.21
N GLY A 106 18.84 -4.36 -6.86
CA GLY A 106 17.41 -4.33 -6.63
C GLY A 106 17.12 -4.18 -5.14
N VAL A 107 16.19 -3.29 -4.81
CA VAL A 107 15.84 -3.01 -3.43
C VAL A 107 14.32 -3.08 -3.25
N ALA A 108 13.90 -3.43 -2.05
CA ALA A 108 12.48 -3.51 -1.72
C ALA A 108 12.33 -3.43 -0.21
N VAL A 109 11.09 -3.16 0.22
CA VAL A 109 10.76 -2.95 1.62
C VAL A 109 9.80 -4.05 2.06
N LEU A 110 10.11 -4.70 3.18
CA LEU A 110 9.24 -5.74 3.72
C LEU A 110 9.38 -5.74 5.24
N ASN A 111 8.26 -5.54 5.94
CA ASN A 111 8.19 -5.62 7.39
C ASN A 111 9.13 -4.62 8.05
N GLY A 112 9.17 -3.39 7.53
CA GLY A 112 9.97 -2.34 8.10
C GLY A 112 11.45 -2.42 7.79
N LEU A 113 11.87 -3.28 6.87
CA LEU A 113 13.27 -3.43 6.51
C LEU A 113 13.44 -3.19 5.01
N ILE A 114 14.59 -2.62 4.65
CA ILE A 114 14.95 -2.41 3.26
C ILE A 114 16.00 -3.45 2.89
N TYR A 115 15.72 -4.23 1.85
CA TYR A 115 16.61 -5.29 1.40
C TYR A 115 17.31 -4.84 0.13
N ALA A 116 18.64 -4.79 0.16
CA ALA A 116 19.46 -4.53 -1.02
C ALA A 116 19.88 -5.87 -1.60
N VAL A 117 19.29 -6.25 -2.72
CA VAL A 117 19.44 -7.58 -3.29
C VAL A 117 20.38 -7.51 -4.49
N GLY A 118 21.47 -8.28 -4.42
CA GLY A 118 22.36 -8.41 -5.57
C GLY A 118 23.12 -7.12 -5.88
N GLY A 119 23.40 -6.94 -7.16
CA GLY A 119 24.14 -5.79 -7.65
C GLY A 119 25.48 -6.21 -8.23
N TYR A 120 26.32 -5.20 -8.48
CA TYR A 120 27.62 -5.41 -9.07
C TYR A 120 28.66 -4.57 -8.34
N ASP A 121 29.84 -5.14 -8.12
CA ASP A 121 30.91 -4.43 -7.43
C ASP A 121 32.18 -4.44 -8.29
N THR A 130 32.79 -7.74 -9.69
CA THR A 130 32.12 -8.95 -9.24
C THR A 130 30.60 -8.77 -9.14
N HIS A 131 29.86 -9.73 -9.68
CA HIS A 131 28.40 -9.73 -9.57
C HIS A 131 28.00 -10.41 -8.27
N LEU A 132 27.12 -9.78 -7.52
CA LEU A 132 26.86 -10.16 -6.13
C LEU A 132 25.64 -11.05 -6.02
N ASN A 133 25.71 -12.02 -5.11
CA ASN A 133 24.56 -12.80 -4.68
C ASN A 133 24.16 -12.50 -3.24
N SER A 134 24.91 -11.66 -2.54
CA SER A 134 24.63 -11.34 -1.15
C SER A 134 23.51 -10.33 -1.04
N VAL A 135 22.79 -10.39 0.09
CA VAL A 135 21.67 -9.50 0.37
C VAL A 135 21.86 -8.91 1.75
N GLU A 136 21.68 -7.60 1.87
CA GLU A 136 21.74 -6.91 3.15
C GLU A 136 20.39 -6.28 3.46
N ALA A 137 20.07 -6.21 4.74
CA ALA A 137 18.82 -5.65 5.22
C ALA A 137 19.11 -4.42 6.08
N TYR A 138 18.36 -3.35 5.86
CA TYR A 138 18.56 -2.08 6.56
C TYR A 138 17.46 -1.87 7.58
N ASP A 139 17.85 -1.64 8.84
CA ASP A 139 16.90 -1.34 9.90
C ASP A 139 16.96 0.15 10.18
N PRO A 140 15.91 0.92 9.87
CA PRO A 140 16.00 2.38 10.06
C PRO A 140 16.09 2.81 11.50
N GLU A 141 15.49 2.06 12.43
CA GLU A 141 15.57 2.44 13.84
C GLU A 141 16.98 2.29 14.39
N ARG A 142 17.77 1.38 13.81
CA ARG A 142 19.16 1.19 14.23
C ARG A 142 20.17 1.81 13.28
N ASN A 143 19.74 2.21 12.09
CA ASN A 143 20.63 2.79 11.07
C ASN A 143 21.82 1.87 10.80
N GLU A 144 21.52 0.60 10.53
CA GLU A 144 22.55 -0.41 10.37
C GLU A 144 22.10 -1.43 9.34
N TRP A 145 23.01 -1.80 8.45
CA TRP A 145 22.77 -2.86 7.48
C TRP A 145 23.26 -4.19 8.03
N SER A 146 22.53 -5.26 7.73
CA SER A 146 22.86 -6.60 8.21
C SER A 146 22.73 -7.59 7.07
N LEU A 147 23.74 -8.44 6.92
CA LEU A 147 23.70 -9.46 5.88
C LEU A 147 22.66 -10.52 6.21
N VAL A 148 21.90 -10.92 5.20
CA VAL A 148 20.95 -12.02 5.34
C VAL A 148 21.33 -13.12 4.37
N ALA A 149 20.45 -14.11 4.20
CA ALA A 149 20.78 -15.25 3.36
C ALA A 149 21.03 -14.80 1.93
N PRO A 150 22.10 -15.26 1.29
CA PRO A 150 22.39 -14.82 -0.08
C PRO A 150 21.54 -15.56 -1.11
N LEU A 151 21.51 -14.99 -2.32
CA LEU A 151 20.80 -15.61 -3.42
C LEU A 151 21.52 -16.89 -3.86
N SER A 152 20.76 -17.75 -4.54
CA SER A 152 21.37 -18.94 -5.14
C SER A 152 22.14 -18.62 -6.41
N THR A 153 21.87 -17.47 -7.03
CA THR A 153 22.48 -17.08 -8.29
C THR A 153 22.94 -15.63 -8.21
N ARG A 154 24.12 -15.36 -8.76
CA ARG A 154 24.59 -13.99 -8.89
C ARG A 154 23.66 -13.21 -9.80
N ARG A 155 23.22 -12.03 -9.34
CA ARG A 155 22.23 -11.24 -10.07
C ARG A 155 22.62 -9.77 -10.01
N SER A 156 22.93 -9.20 -11.17
CA SER A 156 23.10 -7.77 -11.33
C SER A 156 22.07 -7.26 -12.34
N GLY A 157 21.64 -6.03 -12.16
CA GLY A 157 20.53 -5.52 -12.95
C GLY A 157 19.26 -6.31 -12.72
N VAL A 158 19.01 -6.72 -11.47
CA VAL A 158 17.90 -7.58 -11.11
C VAL A 158 16.70 -6.72 -10.69
N GLY A 159 15.51 -7.21 -11.00
CA GLY A 159 14.29 -6.59 -10.51
C GLY A 159 13.85 -7.25 -9.23
N VAL A 160 13.47 -6.44 -8.24
CA VAL A 160 13.09 -6.93 -6.93
C VAL A 160 11.74 -6.32 -6.55
N ALA A 161 10.80 -7.17 -6.15
CA ALA A 161 9.47 -6.73 -5.74
C ALA A 161 9.00 -7.59 -4.58
N VAL A 162 8.02 -7.07 -3.84
CA VAL A 162 7.49 -7.71 -2.64
C VAL A 162 6.01 -8.02 -2.87
N LEU A 163 5.61 -9.25 -2.55
CA LEU A 163 4.23 -9.68 -2.69
C LEU A 163 3.94 -10.80 -1.70
N ASN A 164 2.89 -10.63 -0.91
CA ASN A 164 2.41 -11.66 0.02
C ASN A 164 3.48 -12.06 1.03
N GLY A 165 4.24 -11.08 1.51
CA GLY A 165 5.27 -11.33 2.50
C GLY A 165 6.54 -11.96 1.96
N LEU A 166 6.71 -12.03 0.64
CA LEU A 166 7.90 -12.60 0.03
C LEU A 166 8.60 -11.55 -0.82
N ILE A 167 9.89 -11.75 -1.02
CA ILE A 167 10.73 -10.87 -1.82
C ILE A 167 11.18 -11.64 -3.04
N TYR A 168 10.82 -11.17 -4.23
CA TYR A 168 11.11 -11.86 -5.48
C TYR A 168 12.29 -11.19 -6.17
N ALA A 169 13.31 -11.99 -6.48
CA ALA A 169 14.44 -11.56 -7.30
C ALA A 169 14.19 -12.04 -8.73
N VAL A 170 13.90 -11.10 -9.62
CA VAL A 170 13.41 -11.41 -10.97
C VAL A 170 14.54 -11.15 -11.95
N GLY A 171 15.01 -12.21 -12.61
CA GLY A 171 16.01 -12.11 -13.66
C GLY A 171 17.33 -11.52 -13.17
N GLY A 172 17.95 -10.74 -14.04
CA GLY A 172 19.25 -10.16 -13.80
C GLY A 172 20.29 -10.71 -14.74
N TYR A 173 21.56 -10.48 -14.40
CA TYR A 173 22.68 -10.92 -15.21
C TYR A 173 23.72 -11.58 -14.32
N ASP A 174 24.15 -12.78 -14.71
CA ASP A 174 25.16 -13.54 -13.97
C ASP A 174 26.46 -13.49 -14.78
N GLY A 175 27.47 -12.82 -14.22
CA GLY A 175 28.76 -12.71 -14.88
C GLY A 175 29.81 -13.63 -14.29
N THR A 183 25.81 -14.50 -18.49
CA THR A 183 24.52 -15.18 -18.69
C THR A 183 23.36 -14.30 -18.23
N HIS A 184 22.44 -14.01 -19.14
CA HIS A 184 21.25 -13.27 -18.80
C HIS A 184 20.19 -14.23 -18.27
N LEU A 185 19.57 -13.87 -17.15
CA LEU A 185 18.80 -14.81 -16.35
C LEU A 185 17.30 -14.69 -16.61
N ASN A 186 16.62 -15.83 -16.59
CA ASN A 186 15.17 -15.88 -16.56
C ASN A 186 14.62 -16.48 -15.29
N SER A 187 15.50 -16.97 -14.40
CA SER A 187 15.06 -17.57 -13.15
C SER A 187 14.61 -16.51 -12.16
N VAL A 188 13.76 -16.94 -11.23
CA VAL A 188 13.20 -16.07 -10.21
C VAL A 188 13.26 -16.79 -8.86
N GLU A 189 13.75 -16.12 -7.84
CA GLU A 189 13.81 -16.66 -6.48
C GLU A 189 12.98 -15.81 -5.55
N ALA A 190 12.42 -16.45 -4.53
CA ALA A 190 11.57 -15.79 -3.54
C ALA A 190 12.19 -15.93 -2.16
N TYR A 191 12.27 -14.83 -1.42
CA TYR A 191 12.87 -14.81 -0.10
C TYR A 191 11.79 -14.79 0.97
N ASP A 192 11.91 -15.66 1.96
CA ASP A 192 11.00 -15.71 3.09
C ASP A 192 11.73 -15.24 4.33
N PRO A 193 11.40 -14.06 4.88
CA PRO A 193 12.12 -13.58 6.07
C PRO A 193 11.85 -14.40 7.32
N GLU A 194 10.76 -15.18 7.36
CA GLU A 194 10.49 -16.01 8.52
C GLU A 194 11.43 -17.21 8.57
N ARG A 195 11.91 -17.68 7.41
CA ARG A 195 12.86 -18.77 7.35
C ARG A 195 14.26 -18.33 6.95
N ASN A 196 14.41 -17.09 6.46
CA ASN A 196 15.70 -16.56 6.01
C ASN A 196 16.33 -17.48 4.96
N GLU A 197 15.57 -17.73 3.89
CA GLU A 197 16.04 -18.60 2.82
C GLU A 197 15.37 -18.19 1.52
N TRP A 198 16.10 -18.38 0.42
CA TRP A 198 15.58 -18.18 -0.91
C TRP A 198 15.18 -19.53 -1.52
N SER A 199 14.15 -19.49 -2.38
CA SER A 199 13.70 -20.68 -3.10
C SER A 199 13.28 -20.27 -4.49
N LEU A 200 13.59 -21.11 -5.47
CA LEU A 200 13.26 -20.82 -6.86
C LEU A 200 11.77 -20.98 -7.10
N VAL A 201 11.21 -20.11 -7.94
CA VAL A 201 9.84 -20.25 -8.39
C VAL A 201 9.84 -20.35 -9.91
N ALA A 202 8.66 -20.23 -10.51
CA ALA A 202 8.55 -20.37 -11.96
C ALA A 202 9.40 -19.30 -12.66
N PRO A 203 10.28 -19.69 -13.57
CA PRO A 203 11.14 -18.71 -14.23
C PRO A 203 10.40 -17.95 -15.31
N LEU A 204 11.01 -16.86 -15.75
CA LEU A 204 10.44 -16.04 -16.82
C LEU A 204 10.48 -16.78 -18.15
N SER A 205 9.51 -16.47 -19.01
CA SER A 205 9.52 -17.04 -20.34
C SER A 205 10.65 -16.47 -21.19
N THR A 206 11.10 -15.26 -20.89
CA THR A 206 12.19 -14.62 -21.60
C THR A 206 13.22 -14.11 -20.59
N ARG A 207 14.50 -14.28 -20.92
CA ARG A 207 15.57 -13.78 -20.07
C ARG A 207 15.54 -12.25 -20.05
N ARG A 208 15.66 -11.67 -18.86
CA ARG A 208 15.54 -10.22 -18.69
C ARG A 208 16.58 -9.73 -17.71
N SER A 209 17.52 -8.92 -18.19
CA SER A 209 18.43 -8.18 -17.34
C SER A 209 18.13 -6.69 -17.48
N GLY A 210 18.38 -5.94 -16.41
CA GLY A 210 17.95 -4.56 -16.39
C GLY A 210 16.45 -4.41 -16.49
N VAL A 211 15.73 -5.31 -15.84
CA VAL A 211 14.27 -5.37 -15.94
C VAL A 211 13.67 -4.60 -14.78
N GLY A 212 12.54 -3.94 -15.03
CA GLY A 212 11.77 -3.27 -14.01
C GLY A 212 10.61 -4.14 -13.56
N VAL A 213 10.41 -4.22 -12.26
CA VAL A 213 9.35 -5.05 -11.69
C VAL A 213 8.51 -4.21 -10.73
N ALA A 214 7.23 -4.56 -10.64
CA ALA A 214 6.31 -3.91 -9.72
C ALA A 214 5.16 -4.85 -9.45
N VAL A 215 4.37 -4.51 -8.43
CA VAL A 215 3.29 -5.36 -7.95
C VAL A 215 1.99 -4.56 -8.00
N LEU A 216 0.96 -5.14 -8.61
CA LEU A 216 -0.33 -4.50 -8.73
C LEU A 216 -1.42 -5.56 -8.77
N ASN A 217 -2.40 -5.44 -7.87
CA ASN A 217 -3.55 -6.36 -7.80
C ASN A 217 -3.10 -7.81 -7.62
N GLY A 218 -2.12 -8.01 -6.75
CA GLY A 218 -1.66 -9.35 -6.43
C GLY A 218 -0.86 -10.02 -7.53
N LEU A 219 -0.27 -9.25 -8.44
CA LEU A 219 0.51 -9.79 -9.55
C LEU A 219 1.84 -9.07 -9.62
N ILE A 220 2.89 -9.80 -9.96
CA ILE A 220 4.22 -9.23 -10.19
C ILE A 220 4.42 -9.09 -11.69
N TYR A 221 4.70 -7.88 -12.14
CA TYR A 221 4.93 -7.60 -13.55
C TYR A 221 6.42 -7.43 -13.81
N ALA A 222 6.92 -8.12 -14.83
CA ALA A 222 8.31 -7.97 -15.29
C ALA A 222 8.28 -7.15 -16.56
N VAL A 223 8.79 -5.92 -16.50
CA VAL A 223 8.63 -4.94 -17.57
C VAL A 223 9.95 -4.77 -18.31
N GLY A 224 9.95 -5.14 -19.58
CA GLY A 224 11.11 -4.87 -20.42
C GLY A 224 12.32 -5.69 -20.02
N GLY A 225 13.48 -5.07 -20.12
CA GLY A 225 14.74 -5.72 -19.85
C GLY A 225 15.52 -5.99 -21.14
N TYR A 226 16.63 -6.71 -20.98
CA TYR A 226 17.51 -7.02 -22.08
C TYR A 226 17.72 -8.53 -22.16
N ASP A 227 17.71 -9.05 -23.38
CA ASP A 227 17.91 -10.48 -23.61
C ASP A 227 19.02 -10.71 -24.64
N GLY A 235 21.84 -9.45 -29.27
CA GLY A 235 20.92 -9.16 -28.18
C GLY A 235 19.68 -8.40 -28.62
N THR A 236 18.68 -8.34 -27.76
CA THR A 236 17.41 -7.68 -28.07
C THR A 236 16.89 -6.98 -26.82
N HIS A 237 16.68 -5.67 -26.93
CA HIS A 237 16.05 -4.91 -25.86
C HIS A 237 14.55 -5.15 -25.90
N LEU A 238 13.97 -5.51 -24.76
CA LEU A 238 12.63 -6.07 -24.72
C LEU A 238 11.57 -5.00 -24.51
N ASN A 239 10.47 -5.13 -25.25
CA ASN A 239 9.26 -4.36 -24.99
C ASN A 239 8.15 -5.23 -24.39
N SER A 240 8.37 -6.53 -24.26
CA SER A 240 7.37 -7.44 -23.73
C SER A 240 7.31 -7.36 -22.21
N VAL A 241 6.13 -7.69 -21.67
CA VAL A 241 5.88 -7.64 -20.23
C VAL A 241 5.23 -8.95 -19.81
N GLU A 242 5.69 -9.52 -18.70
CA GLU A 242 5.13 -10.75 -18.14
C GLU A 242 4.61 -10.48 -16.74
N ALA A 243 3.54 -11.20 -16.37
CA ALA A 243 2.91 -11.06 -15.08
C ALA A 243 2.93 -12.40 -14.36
N TYR A 244 3.39 -12.40 -13.12
CA TYR A 244 3.50 -13.62 -12.32
C TYR A 244 2.33 -13.73 -11.35
N ASP A 245 1.65 -14.86 -11.37
CA ASP A 245 0.54 -15.13 -10.46
C ASP A 245 1.00 -16.11 -9.40
N PRO A 246 1.14 -15.69 -8.14
CA PRO A 246 1.60 -16.63 -7.10
C PRO A 246 0.63 -17.77 -6.85
N GLU A 247 -0.68 -17.55 -7.03
CA GLU A 247 -1.66 -18.61 -6.85
C GLU A 247 -1.48 -19.73 -7.87
N ARG A 248 -0.86 -19.44 -9.02
CA ARG A 248 -0.63 -20.43 -10.05
C ARG A 248 0.84 -20.76 -10.24
N ASN A 249 1.75 -19.98 -9.67
CA ASN A 249 3.19 -20.15 -9.88
C ASN A 249 3.50 -20.23 -11.37
N GLU A 250 3.06 -19.22 -12.11
CA GLU A 250 3.17 -19.20 -13.56
C GLU A 250 3.25 -17.75 -14.04
N TRP A 251 4.09 -17.54 -15.05
CA TRP A 251 4.15 -16.26 -15.74
C TRP A 251 3.28 -16.30 -16.98
N SER A 252 2.72 -15.15 -17.34
CA SER A 252 1.91 -15.03 -18.54
C SER A 252 2.16 -13.68 -19.19
N LEU A 253 2.15 -13.66 -20.51
CA LEU A 253 2.40 -12.43 -21.25
C LEU A 253 1.21 -11.49 -21.13
N VAL A 254 1.50 -10.19 -21.03
CA VAL A 254 0.46 -9.17 -21.09
C VAL A 254 0.80 -8.22 -22.24
N ALA A 255 0.12 -7.08 -22.30
CA ALA A 255 0.35 -6.14 -23.38
C ALA A 255 1.78 -5.62 -23.33
N PRO A 256 2.49 -5.60 -24.45
CA PRO A 256 3.87 -5.13 -24.45
C PRO A 256 3.97 -3.62 -24.53
N LEU A 257 5.10 -3.10 -24.07
CA LEU A 257 5.37 -1.67 -24.15
C LEU A 257 5.39 -1.21 -25.60
N SER A 258 5.06 0.06 -25.80
CA SER A 258 5.17 0.63 -27.14
C SER A 258 6.62 0.86 -27.55
N THR A 259 7.50 1.06 -26.58
CA THR A 259 8.92 1.28 -26.81
C THR A 259 9.74 0.25 -26.05
N ARG A 260 10.76 -0.29 -26.71
CA ARG A 260 11.67 -1.23 -26.06
C ARG A 260 12.45 -0.51 -24.97
N ARG A 261 12.53 -1.12 -23.79
CA ARG A 261 13.08 -0.46 -22.61
C ARG A 261 13.95 -1.43 -21.83
N SER A 262 15.24 -1.13 -21.74
CA SER A 262 16.16 -1.83 -20.84
C SER A 262 16.74 -0.82 -19.87
N GLY A 263 16.99 -1.26 -18.65
CA GLY A 263 17.38 -0.34 -17.59
C GLY A 263 16.26 0.60 -17.20
N VAL A 264 15.04 0.10 -17.15
CA VAL A 264 13.85 0.92 -16.95
C VAL A 264 13.44 0.88 -15.49
N GLY A 265 12.90 1.99 -15.00
CA GLY A 265 12.36 2.06 -13.65
C GLY A 265 10.85 1.96 -13.68
N VAL A 266 10.30 1.20 -12.74
CA VAL A 266 8.88 0.87 -12.72
C VAL A 266 8.33 1.11 -11.32
N ALA A 267 7.14 1.70 -11.25
CA ALA A 267 6.44 1.89 -9.99
C ALA A 267 4.94 1.94 -10.25
N VAL A 268 4.16 1.73 -9.20
CA VAL A 268 2.71 1.60 -9.29
C VAL A 268 2.07 2.76 -8.52
N LEU A 269 1.10 3.42 -9.15
CA LEU A 269 0.39 4.52 -8.50
C LEU A 269 -1.02 4.61 -9.08
N ASN A 270 -2.01 4.70 -8.20
CA ASN A 270 -3.42 4.87 -8.59
C ASN A 270 -3.86 3.77 -9.55
N GLY A 271 -3.50 2.53 -9.22
CA GLY A 271 -3.92 1.40 -10.02
C GLY A 271 -3.27 1.27 -11.39
N LEU A 272 -2.22 2.05 -11.65
CA LEU A 272 -1.52 1.99 -12.93
C LEU A 272 -0.05 1.66 -12.69
N ILE A 273 0.56 1.06 -13.71
CA ILE A 273 2.00 0.76 -13.71
C ILE A 273 2.68 1.74 -14.65
N TYR A 274 3.72 2.41 -14.14
CA TYR A 274 4.46 3.39 -14.93
C TYR A 274 5.83 2.84 -15.26
N ALA A 275 6.14 2.75 -16.56
CA ALA A 275 7.47 2.40 -17.04
C ALA A 275 8.20 3.71 -17.36
N VAL A 276 9.20 4.03 -16.56
CA VAL A 276 9.85 5.34 -16.60
C VAL A 276 11.24 5.18 -17.21
N GLY A 277 11.45 5.82 -18.37
CA GLY A 277 12.76 5.87 -18.97
C GLY A 277 13.22 4.52 -19.50
N GLY A 278 14.53 4.34 -19.50
CA GLY A 278 15.16 3.13 -20.01
C GLY A 278 16.07 3.44 -21.18
N TYR A 279 16.48 2.39 -21.86
CA TYR A 279 17.36 2.49 -23.02
C TYR A 279 16.81 1.65 -24.15
N ASP A 280 16.76 2.22 -25.35
CA ASP A 280 16.25 1.55 -26.54
C ASP A 280 17.43 1.34 -27.49
N GLY A 281 17.98 0.13 -27.48
CA GLY A 281 19.11 -0.20 -28.33
C GLY A 281 18.68 -0.89 -29.61
N GLY A 288 22.18 3.56 -29.99
CA GLY A 288 20.81 3.61 -29.51
C GLY A 288 20.43 4.94 -28.92
N THR A 289 19.28 5.00 -28.26
CA THR A 289 18.77 6.22 -27.66
C THR A 289 18.36 5.97 -26.22
N HIS A 290 18.72 6.91 -25.35
CA HIS A 290 18.26 6.91 -23.97
C HIS A 290 16.90 7.60 -23.90
N LEU A 291 16.03 7.09 -23.04
CA LEU A 291 14.61 7.41 -23.09
C LEU A 291 14.21 8.40 -22.00
N ASN A 292 13.42 9.39 -22.38
CA ASN A 292 12.70 10.23 -21.46
C ASN A 292 11.21 9.93 -21.43
N SER A 293 10.74 9.01 -22.28
CA SER A 293 9.33 8.71 -22.39
C SER A 293 8.86 7.86 -21.21
N VAL A 294 7.58 8.03 -20.84
CA VAL A 294 6.97 7.30 -19.74
C VAL A 294 5.66 6.71 -20.24
N GLU A 295 5.49 5.40 -20.02
CA GLU A 295 4.28 4.69 -20.43
C GLU A 295 3.52 4.21 -19.20
N ALA A 296 2.20 4.27 -19.26
CA ALA A 296 1.34 3.84 -18.16
C ALA A 296 0.53 2.63 -18.61
N TYR A 297 0.49 1.61 -17.75
CA TYR A 297 -0.24 0.37 -18.04
C TYR A 297 -1.54 0.33 -17.26
N ASP A 298 -2.64 0.09 -17.96
CA ASP A 298 -3.94 -0.08 -17.34
C ASP A 298 -4.28 -1.57 -17.29
N PRO A 299 -4.34 -2.20 -16.12
CA PRO A 299 -4.62 -3.64 -16.09
C PRO A 299 -6.02 -4.00 -16.53
N GLU A 300 -6.99 -3.11 -16.33
CA GLU A 300 -8.36 -3.42 -16.73
C GLU A 300 -8.51 -3.49 -18.24
N ARG A 301 -7.85 -2.57 -18.96
CA ARG A 301 -7.90 -2.58 -20.42
C ARG A 301 -6.72 -3.30 -21.05
N ASN A 302 -5.70 -3.66 -20.27
CA ASN A 302 -4.49 -4.31 -20.77
C ASN A 302 -3.88 -3.49 -21.91
N GLU A 303 -3.57 -2.24 -21.58
CA GLU A 303 -3.11 -1.26 -22.55
C GLU A 303 -2.02 -0.38 -21.95
N TRP A 304 -0.99 -0.12 -22.74
CA TRP A 304 0.05 0.85 -22.40
C TRP A 304 -0.23 2.16 -23.12
N SER A 305 -0.08 3.27 -22.40
CA SER A 305 -0.34 4.58 -22.96
C SER A 305 0.75 5.56 -22.52
N LEU A 306 1.16 6.43 -23.44
CA LEU A 306 2.16 7.43 -23.13
C LEU A 306 1.60 8.52 -22.22
N VAL A 307 2.43 8.99 -21.30
CA VAL A 307 2.09 10.15 -20.47
C VAL A 307 3.17 11.20 -20.67
N ALA A 308 3.18 12.23 -19.83
CA ALA A 308 4.15 13.31 -19.98
C ALA A 308 5.56 12.76 -19.86
N PRO A 309 6.48 13.15 -20.74
CA PRO A 309 7.84 12.62 -20.68
C PRO A 309 8.67 13.32 -19.61
N LEU A 310 9.74 12.63 -19.21
CA LEU A 310 10.69 13.21 -18.26
C LEU A 310 11.36 14.43 -18.86
N SER A 311 11.80 15.35 -17.99
CA SER A 311 12.58 16.49 -18.46
C SER A 311 13.98 16.09 -18.88
N THR A 312 14.47 14.93 -18.44
CA THR A 312 15.82 14.47 -18.74
C THR A 312 15.78 13.00 -19.10
N ARG A 313 16.61 12.60 -20.06
CA ARG A 313 16.73 11.21 -20.43
C ARG A 313 17.41 10.43 -19.30
N ARG A 314 16.79 9.32 -18.88
CA ARG A 314 17.28 8.56 -17.74
C ARG A 314 17.22 7.07 -18.06
N SER A 315 18.39 6.42 -18.14
CA SER A 315 18.49 4.97 -18.19
C SER A 315 19.15 4.49 -16.90
N GLY A 316 18.76 3.29 -16.46
CA GLY A 316 19.23 2.81 -15.17
C GLY A 316 18.76 3.68 -14.02
N VAL A 317 17.51 4.14 -14.08
CA VAL A 317 16.97 5.09 -13.12
C VAL A 317 16.19 4.34 -12.05
N GLY A 318 16.28 4.83 -10.81
CA GLY A 318 15.45 4.31 -9.74
C GLY A 318 14.14 5.09 -9.66
N VAL A 319 13.05 4.34 -9.50
CA VAL A 319 11.71 4.92 -9.51
C VAL A 319 10.95 4.42 -8.29
N ALA A 320 10.28 5.34 -7.60
CA ALA A 320 9.50 5.00 -6.42
C ALA A 320 8.28 5.91 -6.36
N VAL A 321 7.32 5.54 -5.51
CA VAL A 321 6.07 6.27 -5.36
C VAL A 321 5.91 6.66 -3.89
N LEU A 322 5.60 7.93 -3.65
CA LEU A 322 5.40 8.43 -2.29
C LEU A 322 4.41 9.60 -2.29
N GLY B 6 0.61 -9.27 6.73
CA GLY B 6 -0.42 -9.96 5.97
C GLY B 6 -1.47 -10.61 6.84
N LEU B 7 -1.89 -9.91 7.88
CA LEU B 7 -2.87 -10.42 8.83
C LEU B 7 -4.01 -9.42 8.98
N ILE B 8 -5.18 -9.95 9.30
CA ILE B 8 -6.37 -9.14 9.56
C ILE B 8 -6.58 -9.10 11.08
N TYR B 9 -6.66 -7.90 11.64
CA TYR B 9 -6.82 -7.70 13.07
C TYR B 9 -8.23 -7.21 13.34
N ALA B 10 -8.96 -7.93 14.19
CA ALA B 10 -10.26 -7.50 14.70
C ALA B 10 -10.05 -6.87 16.06
N VAL B 11 -10.28 -5.56 16.15
CA VAL B 11 -9.91 -4.77 17.32
C VAL B 11 -11.18 -4.35 18.05
N GLY B 12 -11.31 -4.79 19.30
CA GLY B 12 -12.39 -4.36 20.17
C GLY B 12 -13.75 -4.74 19.64
N GLY B 13 -14.74 -3.92 20.00
CA GLY B 13 -16.12 -4.16 19.61
C GLY B 13 -17.03 -4.39 20.80
N TYR B 14 -18.22 -4.93 20.55
CA TYR B 14 -19.19 -5.20 21.60
C TYR B 14 -19.77 -6.59 21.37
N ASP B 15 -19.94 -7.32 22.47
CA ASP B 15 -20.50 -8.67 22.40
C ASP B 15 -21.95 -8.63 22.88
N THR B 24 -21.10 -6.74 26.89
CA THR B 24 -19.71 -6.55 27.29
C THR B 24 -18.91 -5.84 26.20
N HIS B 25 -18.35 -4.68 26.53
CA HIS B 25 -17.48 -3.97 25.63
C HIS B 25 -16.08 -4.60 25.68
N LEU B 26 -15.50 -4.85 24.51
CA LEU B 26 -14.33 -5.71 24.40
C LEU B 26 -13.05 -4.89 24.33
N ASN B 27 -12.01 -5.42 24.98
CA ASN B 27 -10.65 -4.91 24.81
C ASN B 27 -9.74 -5.93 24.12
N SER B 28 -10.24 -7.13 23.84
CA SER B 28 -9.44 -8.16 23.22
C SER B 28 -9.31 -7.93 21.71
N VAL B 29 -8.24 -8.45 21.13
CA VAL B 29 -7.94 -8.31 19.71
C VAL B 29 -7.59 -9.67 19.15
N GLU B 30 -8.17 -10.01 17.99
CA GLU B 30 -7.90 -11.27 17.31
C GLU B 30 -7.26 -11.00 15.96
N ALA B 31 -6.32 -11.85 15.57
CA ALA B 31 -5.62 -11.74 14.30
C ALA B 31 -5.97 -12.94 13.41
N TYR B 32 -6.30 -12.67 12.16
CA TYR B 32 -6.69 -13.70 11.20
C TYR B 32 -5.57 -13.96 10.21
N ASP B 33 -5.22 -15.23 10.04
CA ASP B 33 -4.24 -15.64 9.04
C ASP B 33 -4.98 -16.26 7.87
N PRO B 34 -5.03 -15.62 6.70
CA PRO B 34 -5.78 -16.20 5.57
C PRO B 34 -5.17 -17.47 5.03
N GLU B 35 -3.85 -17.64 5.12
CA GLU B 35 -3.23 -18.86 4.63
C GLU B 35 -3.59 -20.06 5.50
N ARG B 36 -3.85 -19.84 6.78
CA ARG B 36 -4.26 -20.91 7.69
C ARG B 36 -5.76 -20.92 7.96
N ASN B 37 -6.48 -19.87 7.58
CA ASN B 37 -7.91 -19.74 7.87
C ASN B 37 -8.17 -19.96 9.35
N GLU B 38 -7.58 -19.08 10.16
CA GLU B 38 -7.55 -19.28 11.61
C GLU B 38 -7.39 -17.94 12.30
N TRP B 39 -8.18 -17.73 13.35
CA TRP B 39 -8.09 -16.55 14.20
C TRP B 39 -7.28 -16.88 15.45
N SER B 40 -6.48 -15.91 15.90
CA SER B 40 -5.67 -16.07 17.10
C SER B 40 -5.70 -14.78 17.91
N LEU B 41 -5.64 -14.90 19.22
CA LEU B 41 -5.66 -13.73 20.08
C LEU B 41 -4.27 -13.14 20.21
N VAL B 42 -4.21 -11.81 20.19
CA VAL B 42 -2.97 -11.07 20.43
C VAL B 42 -3.14 -10.23 21.68
N ALA B 43 -2.24 -9.28 21.91
CA ALA B 43 -2.30 -8.45 23.09
C ALA B 43 -3.59 -7.62 23.09
N PRO B 44 -4.30 -7.56 24.20
CA PRO B 44 -5.54 -6.77 24.24
C PRO B 44 -5.26 -5.28 24.42
N LEU B 45 -6.25 -4.48 24.05
CA LEU B 45 -6.16 -3.04 24.26
C LEU B 45 -6.10 -2.72 25.75
N SER B 46 -5.43 -1.61 26.07
CA SER B 46 -5.42 -1.16 27.46
C SER B 46 -6.77 -0.62 27.90
N THR B 47 -7.66 -0.34 26.95
CA THR B 47 -8.99 0.18 27.24
C THR B 47 -10.00 -0.48 26.33
N ARG B 48 -11.15 -0.86 26.89
CA ARG B 48 -12.23 -1.41 26.09
C ARG B 48 -12.76 -0.35 25.12
N ARG B 49 -12.99 -0.75 23.88
CA ARG B 49 -13.38 0.18 22.82
C ARG B 49 -14.42 -0.48 21.92
N SER B 50 -15.66 -0.03 22.02
CA SER B 50 -16.70 -0.35 21.06
C SER B 50 -16.94 0.85 20.16
N GLY B 51 -17.26 0.58 18.90
CA GLY B 51 -17.37 1.66 17.93
C GLY B 51 -16.06 2.37 17.68
N VAL B 52 -14.97 1.62 17.54
CA VAL B 52 -13.62 2.16 17.43
C VAL B 52 -13.18 2.10 15.97
N GLY B 53 -12.51 3.16 15.52
CA GLY B 53 -11.91 3.18 14.20
C GLY B 53 -10.44 2.80 14.28
N VAL B 54 -9.95 2.12 13.25
CA VAL B 54 -8.57 1.65 13.21
C VAL B 54 -7.98 1.92 11.84
N ALA B 55 -6.68 2.21 11.82
CA ALA B 55 -5.93 2.36 10.58
C ALA B 55 -4.49 1.94 10.83
N VAL B 56 -3.77 1.71 9.73
CA VAL B 56 -2.39 1.24 9.78
C VAL B 56 -1.50 2.29 9.15
N LEU B 57 -0.42 2.63 9.85
CA LEU B 57 0.53 3.63 9.34
C LEU B 57 1.92 3.29 9.88
N ASN B 58 2.87 3.11 8.95
CA ASN B 58 4.28 2.88 9.29
C ASN B 58 4.45 1.66 10.20
N GLY B 59 3.72 0.58 9.89
CA GLY B 59 3.88 -0.65 10.63
C GLY B 59 3.21 -0.71 11.98
N LEU B 60 2.26 0.19 12.25
CA LEU B 60 1.56 0.22 13.52
C LEU B 60 0.06 0.30 13.27
N ILE B 61 -0.71 -0.32 14.17
CA ILE B 61 -2.17 -0.26 14.14
C ILE B 61 -2.61 0.73 15.20
N TYR B 62 -3.35 1.75 14.78
CA TYR B 62 -3.84 2.79 15.69
C TYR B 62 -5.31 2.53 15.98
N ALA B 63 -5.64 2.34 17.26
CA ALA B 63 -7.02 2.24 17.71
C ALA B 63 -7.46 3.62 18.17
N VAL B 64 -8.38 4.23 17.42
CA VAL B 64 -8.76 5.62 17.61
C VAL B 64 -10.15 5.68 18.24
N GLY B 65 -10.24 6.30 19.40
CA GLY B 65 -11.53 6.57 20.02
C GLY B 65 -12.29 5.32 20.44
N GLY B 66 -13.60 5.42 20.38
CA GLY B 66 -14.49 4.34 20.76
C GLY B 66 -15.25 4.67 22.03
N TYR B 67 -15.96 3.65 22.53
CA TYR B 67 -16.74 3.76 23.76
C TYR B 67 -16.29 2.67 24.72
N ASP B 68 -16.02 3.06 25.96
CA ASP B 68 -15.55 2.13 26.98
C ASP B 68 -16.74 1.47 27.68
N THR B 77 -18.00 5.52 28.89
CA THR B 77 -17.36 6.80 28.53
C THR B 77 -16.92 6.80 27.07
N HIS B 78 -17.30 7.85 26.38
CA HIS B 78 -16.78 8.01 25.04
C HIS B 78 -15.32 8.47 25.11
N LEU B 79 -14.48 7.87 24.27
CA LEU B 79 -13.04 7.98 24.42
C LEU B 79 -12.44 8.96 23.42
N ASN B 80 -11.42 9.69 23.88
CA ASN B 80 -10.57 10.47 22.99
C ASN B 80 -9.15 9.91 22.92
N SER B 81 -8.87 8.83 23.65
CA SER B 81 -7.54 8.24 23.67
C SER B 81 -7.30 7.40 22.42
N VAL B 82 -6.02 7.23 22.09
CA VAL B 82 -5.60 6.48 20.91
C VAL B 82 -4.45 5.57 21.31
N GLU B 83 -4.51 4.31 20.89
CA GLU B 83 -3.50 3.31 21.19
C GLU B 83 -2.85 2.84 19.89
N ALA B 84 -1.55 2.55 19.94
CA ALA B 84 -0.81 2.05 18.79
C ALA B 84 -0.31 0.65 19.08
N TYR B 85 -0.56 -0.27 18.15
CA TYR B 85 -0.18 -1.68 18.31
C TYR B 85 1.09 -1.97 17.52
N ASP B 86 2.08 -2.57 18.19
CA ASP B 86 3.29 -3.01 17.52
C ASP B 86 3.20 -4.52 17.32
N PRO B 87 3.08 -5.01 16.09
CA PRO B 87 2.95 -6.46 15.90
C PRO B 87 4.23 -7.22 16.20
N GLU B 88 5.40 -6.60 16.00
CA GLU B 88 6.65 -7.28 16.31
C GLU B 88 6.87 -7.43 17.81
N ARG B 89 6.24 -6.56 18.62
CA ARG B 89 6.34 -6.65 20.08
C ARG B 89 5.07 -7.18 20.73
N ASN B 90 3.96 -7.25 20.00
CA ASN B 90 2.67 -7.64 20.54
C ASN B 90 2.32 -6.77 21.76
N GLU B 91 2.22 -5.47 21.49
CA GLU B 91 2.14 -4.49 22.56
C GLU B 91 1.34 -3.27 22.10
N TRP B 92 0.45 -2.81 22.97
CA TRP B 92 -0.31 -1.58 22.75
C TRP B 92 0.31 -0.46 23.58
N SER B 93 0.56 0.68 22.94
CA SER B 93 1.11 1.85 23.62
C SER B 93 0.28 3.07 23.29
N LEU B 94 0.03 3.91 24.29
CA LEU B 94 -0.77 5.09 24.10
C LEU B 94 0.00 6.15 23.32
N VAL B 95 -0.72 6.88 22.46
CA VAL B 95 -0.16 8.03 21.77
C VAL B 95 -0.99 9.26 22.13
N ALA B 96 -0.84 10.34 21.38
CA ALA B 96 -1.53 11.58 21.70
C ALA B 96 -3.04 11.39 21.55
N PRO B 97 -3.83 11.92 22.47
CA PRO B 97 -5.29 11.75 22.39
C PRO B 97 -5.93 12.75 21.43
N LEU B 98 -7.12 12.38 20.96
CA LEU B 98 -7.90 13.27 20.13
C LEU B 98 -8.32 14.51 20.90
N SER B 99 -8.53 15.61 20.17
CA SER B 99 -9.06 16.81 20.80
C SER B 99 -10.53 16.68 21.14
N THR B 100 -11.24 15.71 20.54
CA THR B 100 -12.65 15.49 20.78
C THR B 100 -12.92 14.01 20.99
N ARG B 101 -13.85 13.70 21.88
CA ARG B 101 -14.26 12.31 22.09
C ARG B 101 -15.08 11.83 20.89
N ARG B 102 -14.68 10.71 20.30
CA ARG B 102 -15.31 10.21 19.09
C ARG B 102 -15.53 8.71 19.20
N SER B 103 -16.78 8.29 19.28
CA SER B 103 -17.18 6.90 19.10
C SER B 103 -17.94 6.77 17.78
N GLY B 104 -17.85 5.60 17.18
CA GLY B 104 -18.40 5.42 15.83
C GLY B 104 -17.71 6.30 14.82
N VAL B 105 -16.39 6.45 14.94
CA VAL B 105 -15.59 7.35 14.12
C VAL B 105 -14.99 6.57 12.96
N GLY B 106 -14.93 7.21 11.80
CA GLY B 106 -14.23 6.64 10.65
C GLY B 106 -12.78 7.10 10.62
N VAL B 107 -11.89 6.16 10.32
CA VAL B 107 -10.45 6.40 10.40
C VAL B 107 -9.80 5.85 9.14
N ALA B 108 -8.92 6.66 8.53
CA ALA B 108 -8.15 6.22 7.36
C ALA B 108 -6.81 6.92 7.36
N VAL B 109 -5.90 6.40 6.55
CA VAL B 109 -4.54 6.92 6.45
C VAL B 109 -4.31 7.42 5.03
N LEU B 110 -3.71 8.60 4.90
CA LEU B 110 -3.42 9.19 3.60
C LEU B 110 -2.17 10.06 3.71
N ASN B 111 -1.16 9.76 2.89
CA ASN B 111 0.05 10.56 2.80
C ASN B 111 0.74 10.70 4.16
N GLY B 112 0.78 9.60 4.91
CA GLY B 112 1.45 9.60 6.20
C GLY B 112 0.72 10.28 7.33
N LEU B 113 -0.59 10.47 7.20
CA LEU B 113 -1.40 11.09 8.24
C LEU B 113 -2.63 10.24 8.51
N ILE B 114 -3.07 10.23 9.76
CA ILE B 114 -4.25 9.49 10.19
C ILE B 114 -5.38 10.49 10.41
N TYR B 115 -6.47 10.31 9.66
CA TYR B 115 -7.62 11.20 9.77
C TYR B 115 -8.72 10.52 10.58
N ALA B 116 -9.20 11.21 11.61
CA ALA B 116 -10.35 10.76 12.40
C ALA B 116 -11.56 11.54 11.93
N VAL B 117 -12.47 10.87 11.23
CA VAL B 117 -13.57 11.51 10.52
C VAL B 117 -14.85 11.28 11.31
N GLY B 118 -15.53 12.37 11.66
CA GLY B 118 -16.83 12.31 12.31
C GLY B 118 -16.79 11.61 13.65
N GLY B 119 -17.90 10.94 13.97
CA GLY B 119 -18.06 10.23 15.22
C GLY B 119 -19.14 10.84 16.07
N TYR B 120 -19.18 10.40 17.33
CA TYR B 120 -20.19 10.83 18.28
C TYR B 120 -19.54 11.16 19.62
N ASP B 121 -19.97 12.25 20.22
CA ASP B 121 -19.40 12.69 21.49
C ASP B 121 -20.46 12.59 22.58
N GLY B 129 -24.60 14.08 23.59
CA GLY B 129 -25.52 14.19 22.47
C GLY B 129 -25.08 15.16 21.40
N THR B 130 -24.05 14.78 20.64
CA THR B 130 -23.52 15.63 19.60
C THR B 130 -22.87 14.76 18.53
N HIS B 131 -23.52 14.65 17.37
CA HIS B 131 -22.91 13.99 16.22
C HIS B 131 -21.96 14.96 15.53
N LEU B 132 -20.76 14.49 15.24
CA LEU B 132 -19.66 15.37 14.83
C LEU B 132 -19.54 15.46 13.32
N ASN B 133 -19.13 16.63 12.85
CA ASN B 133 -18.72 16.83 11.47
C ASN B 133 -17.24 17.19 11.35
N SER B 134 -16.54 17.32 12.48
CA SER B 134 -15.14 17.72 12.47
C SER B 134 -14.24 16.54 12.16
N VAL B 135 -13.06 16.85 11.61
CA VAL B 135 -12.06 15.85 11.26
C VAL B 135 -10.72 16.31 11.81
N GLU B 136 -9.99 15.40 12.44
CA GLU B 136 -8.65 15.66 12.95
C GLU B 136 -7.65 14.75 12.25
N ALA B 137 -6.47 15.29 11.97
CA ALA B 137 -5.38 14.55 11.33
C ALA B 137 -4.24 14.36 12.33
N TYR B 138 -3.71 13.14 12.39
CA TYR B 138 -2.64 12.80 13.32
C TYR B 138 -1.31 12.73 12.58
N ASP B 139 -0.31 13.43 13.11
CA ASP B 139 1.04 13.40 12.55
C ASP B 139 1.90 12.47 13.40
N PRO B 140 2.33 11.33 12.88
CA PRO B 140 3.13 10.41 13.71
C PRO B 140 4.47 10.98 14.13
N GLU B 141 5.10 11.81 13.29
CA GLU B 141 6.38 12.39 13.66
C GLU B 141 6.24 13.40 14.78
N ARG B 142 5.17 14.20 14.74
CA ARG B 142 4.93 15.21 15.77
C ARG B 142 4.15 14.66 16.96
N ASN B 143 3.46 13.54 16.80
CA ASN B 143 2.57 12.99 17.83
C ASN B 143 1.52 14.04 18.23
N GLU B 144 0.87 14.61 17.22
CA GLU B 144 -0.11 15.67 17.44
C GLU B 144 -1.29 15.47 16.51
N TRP B 145 -2.48 15.74 17.03
CA TRP B 145 -3.70 15.79 16.22
C TRP B 145 -3.99 17.25 15.88
N SER B 146 -4.41 17.48 14.64
CA SER B 146 -4.71 18.82 14.16
C SER B 146 -6.05 18.82 13.44
N LEU B 147 -6.87 19.83 13.74
CA LEU B 147 -8.17 19.94 13.10
C LEU B 147 -8.01 20.39 11.65
N VAL B 148 -8.75 19.73 10.75
CA VAL B 148 -8.77 20.10 9.35
C VAL B 148 -10.19 20.50 8.96
N ALA B 149 -10.46 20.58 7.67
CA ALA B 149 -11.76 21.02 7.19
C ALA B 149 -12.85 20.05 7.66
N PRO B 150 -13.97 20.54 8.18
CA PRO B 150 -15.03 19.64 8.64
C PRO B 150 -15.90 19.15 7.48
N LEU B 151 -16.64 18.09 7.74
CA LEU B 151 -17.59 17.58 6.77
C LEU B 151 -18.76 18.55 6.60
N SER B 152 -19.41 18.45 5.44
CA SER B 152 -20.62 19.24 5.21
C SER B 152 -21.81 18.70 6.00
N THR B 153 -21.78 17.44 6.39
CA THR B 153 -22.84 16.81 7.16
C THR B 153 -22.24 16.07 8.33
N ARG B 154 -22.92 16.14 9.48
CA ARG B 154 -22.49 15.38 10.65
C ARG B 154 -22.74 13.89 10.42
N ARG B 155 -21.72 13.07 10.67
CA ARG B 155 -21.78 11.64 10.37
C ARG B 155 -21.23 10.85 11.55
N SER B 156 -22.09 10.08 12.20
CA SER B 156 -21.68 9.09 13.19
C SER B 156 -21.89 7.70 12.61
N GLY B 157 -21.00 6.78 12.97
CA GLY B 157 -21.04 5.45 12.36
C GLY B 157 -20.80 5.49 10.87
N VAL B 158 -19.84 6.31 10.44
CA VAL B 158 -19.55 6.52 9.02
C VAL B 158 -18.42 5.60 8.60
N GLY B 159 -18.50 5.10 7.36
CA GLY B 159 -17.41 4.33 6.79
C GLY B 159 -16.48 5.24 6.00
N VAL B 160 -15.18 4.98 6.12
CA VAL B 160 -14.16 5.83 5.53
C VAL B 160 -13.13 4.95 4.83
N ALA B 161 -12.78 5.30 3.60
CA ALA B 161 -11.72 4.63 2.87
C ALA B 161 -10.95 5.66 2.04
N VAL B 162 -9.77 5.26 1.57
CA VAL B 162 -8.89 6.10 0.78
C VAL B 162 -8.69 5.46 -0.58
N LEU B 163 -8.84 6.25 -1.63
CA LEU B 163 -8.65 5.77 -2.99
C LEU B 163 -8.25 6.93 -3.89
N ASN B 164 -7.14 6.76 -4.62
CA ASN B 164 -6.66 7.75 -5.58
C ASN B 164 -6.36 9.09 -4.91
N GLY B 165 -5.82 9.04 -3.69
CA GLY B 165 -5.43 10.25 -3.00
C GLY B 165 -6.57 11.05 -2.40
N LEU B 166 -7.75 10.46 -2.26
CA LEU B 166 -8.89 11.13 -1.67
C LEU B 166 -9.44 10.29 -0.52
N ILE B 167 -10.11 10.95 0.42
CA ILE B 167 -10.73 10.31 1.57
C ILE B 167 -12.23 10.41 1.41
N TYR B 168 -12.90 9.26 1.38
CA TYR B 168 -14.35 9.20 1.16
C TYR B 168 -15.04 8.92 2.49
N ALA B 169 -15.99 9.79 2.85
CA ALA B 169 -16.87 9.57 3.99
C ALA B 169 -18.19 9.04 3.45
N VAL B 170 -18.48 7.77 3.74
CA VAL B 170 -19.59 7.04 3.13
C VAL B 170 -20.67 6.86 4.19
N GLY B 171 -21.86 7.42 3.93
CA GLY B 171 -22.99 7.21 4.79
C GLY B 171 -22.80 7.78 6.18
N GLY B 172 -23.36 7.09 7.16
CA GLY B 172 -23.33 7.53 8.54
C GLY B 172 -24.71 7.91 9.04
N TYR B 173 -24.73 8.51 10.23
CA TYR B 173 -25.96 8.90 10.89
C TYR B 173 -25.88 10.36 11.32
N ASP B 174 -27.00 11.08 11.15
CA ASP B 174 -27.07 12.48 11.56
C ASP B 174 -28.26 12.70 12.48
N THR B 183 -31.80 10.89 11.09
CA THR B 183 -31.54 10.87 9.66
C THR B 183 -30.36 9.97 9.30
N HIS B 184 -30.66 8.78 8.78
CA HIS B 184 -29.63 7.89 8.28
C HIS B 184 -29.23 8.33 6.87
N LEU B 185 -27.93 8.30 6.60
CA LEU B 185 -27.39 9.00 5.43
C LEU B 185 -27.05 8.04 4.30
N ASN B 186 -27.25 8.53 3.08
CA ASN B 186 -26.78 7.85 1.87
C ASN B 186 -25.80 8.70 1.07
N SER B 187 -25.54 9.93 1.50
CA SER B 187 -24.63 10.81 0.80
C SER B 187 -23.18 10.40 1.05
N VAL B 188 -22.33 10.79 0.11
CA VAL B 188 -20.88 10.48 0.21
C VAL B 188 -20.11 11.76 -0.12
N GLU B 189 -19.13 12.09 0.71
CA GLU B 189 -18.28 13.26 0.41
C GLU B 189 -16.80 12.87 0.39
N ALA B 190 -16.03 13.48 -0.49
CA ALA B 190 -14.60 13.17 -0.63
C ALA B 190 -13.72 14.34 -0.20
N TYR B 191 -12.64 14.01 0.48
CA TYR B 191 -11.74 15.01 1.02
C TYR B 191 -10.45 15.06 0.20
N ASP B 192 -10.01 16.26 -0.15
CA ASP B 192 -8.77 16.47 -0.87
C ASP B 192 -7.78 17.17 0.05
N PRO B 193 -6.69 16.52 0.48
CA PRO B 193 -5.76 17.18 1.39
C PRO B 193 -4.92 18.26 0.73
N GLU B 194 -4.78 18.24 -0.61
CA GLU B 194 -4.05 19.30 -1.28
C GLU B 194 -4.81 20.62 -1.20
N ARG B 195 -6.14 20.57 -1.11
CA ARG B 195 -6.96 21.76 -1.02
C ARG B 195 -7.73 21.86 0.29
N ASN B 196 -7.66 20.84 1.15
CA ASN B 196 -8.29 20.85 2.47
C ASN B 196 -9.78 21.20 2.37
N GLU B 197 -10.50 20.42 1.57
CA GLU B 197 -11.93 20.66 1.40
C GLU B 197 -12.61 19.36 1.05
N TRP B 198 -13.87 19.24 1.49
CA TRP B 198 -14.73 18.12 1.17
C TRP B 198 -15.61 18.48 -0.01
N SER B 199 -15.91 17.47 -0.83
CA SER B 199 -16.75 17.66 -2.01
C SER B 199 -17.72 16.49 -2.11
N LEU B 200 -18.98 16.79 -2.38
CA LEU B 200 -19.98 15.74 -2.50
C LEU B 200 -19.83 14.97 -3.80
N VAL B 201 -20.01 13.66 -3.74
CA VAL B 201 -19.99 12.82 -4.92
C VAL B 201 -21.31 12.07 -5.00
N ALA B 202 -21.38 11.06 -5.87
CA ALA B 202 -22.61 10.31 -6.04
C ALA B 202 -23.02 9.62 -4.74
N PRO B 203 -24.27 9.72 -4.33
CA PRO B 203 -24.70 9.08 -3.07
C PRO B 203 -24.97 7.59 -3.26
N LEU B 204 -25.09 6.90 -2.13
CA LEU B 204 -25.44 5.49 -2.15
C LEU B 204 -26.88 5.30 -2.61
N SER B 205 -27.16 4.10 -3.14
CA SER B 205 -28.51 3.79 -3.56
C SER B 205 -29.42 3.57 -2.36
N THR B 206 -28.87 3.15 -1.23
CA THR B 206 -29.64 2.95 -0.01
C THR B 206 -28.90 3.56 1.17
N ARG B 207 -29.67 4.01 2.16
CA ARG B 207 -29.09 4.63 3.33
C ARG B 207 -28.34 3.61 4.17
N ARG B 208 -27.16 4.01 4.66
CA ARG B 208 -26.25 3.09 5.34
C ARG B 208 -25.58 3.81 6.50
N SER B 209 -25.91 3.39 7.73
CA SER B 209 -25.20 3.82 8.93
C SER B 209 -24.57 2.61 9.59
N GLY B 210 -23.41 2.84 10.22
CA GLY B 210 -22.63 1.72 10.72
C GLY B 210 -22.16 0.80 9.61
N VAL B 211 -21.78 1.37 8.48
CA VAL B 211 -21.42 0.62 7.28
C VAL B 211 -19.92 0.42 7.23
N GLY B 212 -19.50 -0.76 6.81
CA GLY B 212 -18.09 -1.03 6.56
C GLY B 212 -17.71 -0.65 5.14
N VAL B 213 -16.59 0.03 5.00
CA VAL B 213 -16.14 0.54 3.71
C VAL B 213 -14.69 0.12 3.50
N ALA B 214 -14.39 -0.39 2.30
CA ALA B 214 -13.05 -0.81 1.94
C ALA B 214 -12.83 -0.55 0.46
N VAL B 215 -11.57 -0.62 0.04
CA VAL B 215 -11.17 -0.29 -1.32
C VAL B 215 -10.37 -1.45 -1.88
N LEU B 216 -10.72 -1.89 -3.09
CA LEU B 216 -10.03 -3.00 -3.74
C LEU B 216 -10.20 -2.88 -5.24
N ASN B 217 -9.08 -2.94 -5.98
CA ASN B 217 -9.08 -2.86 -7.44
C ASN B 217 -9.72 -1.57 -7.94
N GLY B 218 -9.38 -0.46 -7.28
CA GLY B 218 -9.87 0.84 -7.71
C GLY B 218 -11.35 1.08 -7.47
N LEU B 219 -11.99 0.29 -6.60
CA LEU B 219 -13.40 0.42 -6.31
C LEU B 219 -13.61 0.55 -4.82
N ILE B 220 -14.60 1.36 -4.43
CA ILE B 220 -15.00 1.50 -3.03
C ILE B 220 -16.22 0.63 -2.80
N TYR B 221 -16.14 -0.26 -1.81
CA TYR B 221 -17.23 -1.14 -1.47
C TYR B 221 -17.86 -0.70 -0.16
N ALA B 222 -19.16 -0.42 -0.20
CA ALA B 222 -19.95 -0.14 1.00
C ALA B 222 -20.65 -1.44 1.40
N VAL B 223 -20.27 -2.00 2.55
CA VAL B 223 -20.67 -3.34 2.96
C VAL B 223 -21.63 -3.22 4.13
N GLY B 224 -22.84 -3.76 3.95
CA GLY B 224 -23.83 -3.81 5.01
C GLY B 224 -24.23 -2.44 5.51
N GLY B 225 -24.54 -2.37 6.80
CA GLY B 225 -25.01 -1.16 7.43
C GLY B 225 -26.43 -1.31 7.92
N TYR B 226 -27.01 -0.18 8.34
CA TYR B 226 -28.35 -0.15 8.90
C TYR B 226 -29.15 0.96 8.20
N ASP B 227 -30.42 0.67 7.93
CA ASP B 227 -31.33 1.62 7.28
C ASP B 227 -32.44 1.99 8.26
N GLY B 228 -32.70 3.29 8.37
CA GLY B 228 -33.74 3.78 9.27
C GLY B 228 -35.02 4.16 8.56
N GLY B 235 -36.43 0.14 10.03
CA GLY B 235 -35.28 -0.43 10.71
C GLY B 235 -34.83 -1.75 10.13
N THR B 236 -33.96 -1.69 9.13
CA THR B 236 -33.49 -2.87 8.41
C THR B 236 -31.98 -2.93 8.48
N HIS B 237 -31.45 -4.02 9.04
CA HIS B 237 -30.02 -4.28 8.97
C HIS B 237 -29.69 -4.87 7.61
N LEU B 238 -28.74 -4.25 6.92
CA LEU B 238 -28.54 -4.49 5.49
C LEU B 238 -27.57 -5.63 5.25
N ASN B 239 -27.84 -6.41 4.19
CA ASN B 239 -26.91 -7.39 3.67
C ASN B 239 -26.41 -7.02 2.27
N SER B 240 -26.90 -5.93 1.70
CA SER B 240 -26.50 -5.51 0.37
C SER B 240 -25.13 -4.84 0.40
N VAL B 241 -24.46 -4.85 -0.76
CA VAL B 241 -23.14 -4.25 -0.93
C VAL B 241 -23.13 -3.47 -2.24
N GLU B 242 -22.63 -2.24 -2.20
CA GLU B 242 -22.52 -1.39 -3.37
C GLU B 242 -21.07 -1.03 -3.63
N ALA B 243 -20.72 -0.89 -4.90
CA ALA B 243 -19.36 -0.55 -5.32
C ALA B 243 -19.37 0.78 -6.05
N TYR B 244 -18.46 1.67 -5.65
CA TYR B 244 -18.35 3.00 -6.23
C TYR B 244 -17.16 3.06 -7.19
N ASP B 245 -17.42 3.50 -8.42
CA ASP B 245 -16.38 3.66 -9.43
C ASP B 245 -16.05 5.13 -9.60
N PRO B 246 -14.83 5.57 -9.25
CA PRO B 246 -14.52 7.00 -9.38
C PRO B 246 -14.44 7.48 -10.82
N GLU B 247 -14.09 6.59 -11.76
CA GLU B 247 -14.05 6.99 -13.17
C GLU B 247 -15.43 7.30 -13.71
N ARG B 248 -16.48 6.78 -13.09
CA ARG B 248 -17.84 7.02 -13.53
C ARG B 248 -18.66 7.84 -12.52
N ASN B 249 -18.18 7.97 -11.28
CA ASN B 249 -18.92 8.63 -10.21
C ASN B 249 -20.31 8.02 -10.07
N GLU B 250 -20.35 6.68 -9.99
CA GLU B 250 -21.59 5.94 -9.90
C GLU B 250 -21.42 4.77 -8.94
N TRP B 251 -22.46 4.50 -8.16
CA TRP B 251 -22.52 3.34 -7.28
C TRP B 251 -23.25 2.21 -7.98
N SER B 252 -22.75 0.99 -7.82
CA SER B 252 -23.33 -0.19 -8.44
C SER B 252 -23.46 -1.31 -7.43
N LEU B 253 -24.61 -1.97 -7.42
CA LEU B 253 -24.84 -3.07 -6.50
C LEU B 253 -24.06 -4.31 -6.94
N VAL B 254 -23.52 -5.03 -5.97
CA VAL B 254 -22.84 -6.29 -6.23
C VAL B 254 -23.50 -7.38 -5.39
N ALA B 255 -22.87 -8.55 -5.32
CA ALA B 255 -23.47 -9.67 -4.61
C ALA B 255 -23.63 -9.32 -3.13
N PRO B 256 -24.78 -9.63 -2.53
CA PRO B 256 -25.01 -9.31 -1.13
C PRO B 256 -24.44 -10.35 -0.16
N LEU B 257 -24.24 -9.91 1.08
CA LEU B 257 -23.78 -10.81 2.12
C LEU B 257 -24.81 -11.90 2.38
N SER B 258 -24.33 -13.02 2.90
CA SER B 258 -25.23 -14.10 3.33
C SER B 258 -25.89 -13.78 4.66
N THR B 259 -25.43 -12.77 5.38
CA THR B 259 -25.96 -12.41 6.69
C THR B 259 -26.06 -10.90 6.80
N ARG B 260 -27.19 -10.43 7.33
CA ARG B 260 -27.37 -9.01 7.58
C ARG B 260 -26.36 -8.53 8.62
N ARG B 261 -25.63 -7.46 8.30
CA ARG B 261 -24.52 -7.00 9.13
C ARG B 261 -24.56 -5.49 9.27
N SER B 262 -24.78 -5.02 10.48
CA SER B 262 -24.63 -3.61 10.83
C SER B 262 -23.54 -3.47 11.88
N GLY B 263 -22.85 -2.35 11.86
CA GLY B 263 -21.68 -2.20 12.73
C GLY B 263 -20.59 -3.19 12.39
N VAL B 264 -20.38 -3.44 11.11
CA VAL B 264 -19.46 -4.46 10.62
C VAL B 264 -18.12 -3.81 10.28
N GLY B 265 -17.03 -4.52 10.54
CA GLY B 265 -15.70 -4.05 10.17
C GLY B 265 -15.22 -4.81 8.95
N VAL B 266 -14.74 -4.05 7.95
CA VAL B 266 -14.29 -4.64 6.70
C VAL B 266 -12.85 -4.24 6.44
N ALA B 267 -12.15 -5.08 5.68
CA ALA B 267 -10.77 -4.83 5.31
C ALA B 267 -10.42 -5.70 4.12
N VAL B 268 -9.35 -5.33 3.43
CA VAL B 268 -8.94 -5.95 2.17
C VAL B 268 -7.59 -6.63 2.38
N LEU B 269 -7.50 -7.90 2.00
CA LEU B 269 -6.25 -8.64 2.10
C LEU B 269 -6.19 -9.65 0.96
N ASN B 270 -5.11 -9.59 0.17
CA ASN B 270 -4.84 -10.54 -0.91
C ASN B 270 -6.00 -10.59 -1.91
N GLY B 271 -6.51 -9.41 -2.28
CA GLY B 271 -7.56 -9.34 -3.28
C GLY B 271 -8.93 -9.76 -2.82
N LEU B 272 -9.15 -9.90 -1.52
CA LEU B 272 -10.45 -10.28 -0.98
C LEU B 272 -10.89 -9.24 0.05
N ILE B 273 -12.20 -8.99 0.10
CA ILE B 273 -12.80 -8.14 1.12
C ILE B 273 -13.38 -9.06 2.20
N TYR B 274 -13.05 -8.77 3.45
CA TYR B 274 -13.51 -9.55 4.58
C TYR B 274 -14.51 -8.72 5.39
N ALA B 275 -15.71 -9.23 5.55
CA ALA B 275 -16.73 -8.63 6.42
C ALA B 275 -16.65 -9.35 7.77
N VAL B 276 -16.16 -8.65 8.79
CA VAL B 276 -15.84 -9.24 10.08
C VAL B 276 -16.90 -8.82 11.09
N GLY B 277 -17.65 -9.79 11.61
CA GLY B 277 -18.59 -9.51 12.67
C GLY B 277 -19.79 -8.70 12.19
N GLY B 278 -20.39 -8.01 13.15
CA GLY B 278 -21.56 -7.18 12.91
C GLY B 278 -22.70 -7.57 13.82
N TYR B 279 -23.87 -7.01 13.52
CA TYR B 279 -25.08 -7.24 14.29
C TYR B 279 -26.22 -7.57 13.33
N ASP B 280 -26.85 -8.72 13.52
CA ASP B 280 -27.98 -9.13 12.69
C ASP B 280 -29.29 -8.70 13.32
N THR B 289 -28.91 -10.48 17.20
CA THR B 289 -27.77 -11.40 17.35
C THR B 289 -26.46 -10.73 16.98
N HIS B 290 -25.50 -10.75 17.89
CA HIS B 290 -24.16 -10.28 17.60
C HIS B 290 -23.37 -11.40 16.93
N LEU B 291 -22.69 -11.06 15.84
CA LEU B 291 -22.13 -12.05 14.93
C LEU B 291 -20.67 -12.32 15.21
N ASN B 292 -20.27 -13.58 15.05
CA ASN B 292 -18.86 -13.97 15.04
C ASN B 292 -18.42 -14.46 13.67
N SER B 293 -19.34 -14.59 12.72
CA SER B 293 -19.01 -15.10 11.40
C SER B 293 -18.26 -14.06 10.58
N VAL B 294 -17.45 -14.55 9.64
CA VAL B 294 -16.69 -13.71 8.72
C VAL B 294 -16.92 -14.24 7.31
N GLU B 295 -17.20 -13.33 6.38
CA GLU B 295 -17.37 -13.68 4.98
C GLU B 295 -16.35 -12.92 4.13
N ALA B 296 -15.81 -13.58 3.12
CA ALA B 296 -14.84 -12.99 2.20
C ALA B 296 -15.46 -12.85 0.83
N TYR B 297 -15.23 -11.70 0.20
CA TYR B 297 -15.78 -11.37 -1.12
C TYR B 297 -14.70 -11.49 -2.18
N ASP B 298 -15.01 -12.24 -3.24
CA ASP B 298 -14.11 -12.37 -4.39
C ASP B 298 -14.69 -11.55 -5.54
N PRO B 299 -14.06 -10.44 -5.94
CA PRO B 299 -14.65 -9.61 -7.00
C PRO B 299 -14.67 -10.28 -8.36
N GLU B 300 -13.67 -11.11 -8.68
CA GLU B 300 -13.69 -11.82 -9.96
C GLU B 300 -14.83 -12.83 -10.02
N ARG B 301 -15.29 -13.31 -8.86
CA ARG B 301 -16.38 -14.26 -8.78
C ARG B 301 -17.71 -13.61 -8.39
N ASN B 302 -17.67 -12.42 -7.79
CA ASN B 302 -18.85 -11.72 -7.29
C ASN B 302 -19.70 -12.63 -6.41
N GLU B 303 -19.08 -13.12 -5.35
CA GLU B 303 -19.77 -13.96 -4.38
C GLU B 303 -19.05 -13.91 -3.05
N TRP B 304 -19.84 -13.97 -1.98
CA TRP B 304 -19.33 -14.02 -0.61
C TRP B 304 -19.25 -15.47 -0.15
N SER B 305 -18.24 -15.77 0.65
CA SER B 305 -18.04 -17.11 1.16
C SER B 305 -17.58 -17.05 2.62
N LEU B 306 -18.10 -17.96 3.43
CA LEU B 306 -17.75 -17.97 4.84
C LEU B 306 -16.33 -18.47 5.05
N VAL B 307 -15.64 -17.87 6.02
CA VAL B 307 -14.32 -18.34 6.44
C VAL B 307 -14.38 -18.63 7.94
N ALA B 308 -13.22 -18.78 8.56
CA ALA B 308 -13.17 -19.10 9.98
C ALA B 308 -13.81 -17.98 10.80
N PRO B 309 -14.67 -18.29 11.76
CA PRO B 309 -15.33 -17.24 12.53
C PRO B 309 -14.49 -16.74 13.68
N LEU B 310 -14.88 -15.58 14.20
CA LEU B 310 -14.21 -15.01 15.36
C LEU B 310 -14.43 -15.88 16.59
N SER B 311 -13.50 -15.77 17.54
CA SER B 311 -13.69 -16.46 18.80
C SER B 311 -14.72 -15.76 19.68
N THR B 312 -14.81 -14.44 19.58
CA THR B 312 -15.74 -13.64 20.35
C THR B 312 -16.64 -12.87 19.39
N ARG B 313 -17.94 -12.82 19.71
CA ARG B 313 -18.86 -12.03 18.92
C ARG B 313 -18.53 -10.55 19.06
N ARG B 314 -18.40 -9.86 17.93
CA ARG B 314 -17.96 -8.47 17.89
C ARG B 314 -18.86 -7.67 16.96
N SER B 315 -19.51 -6.64 17.48
CA SER B 315 -20.20 -5.64 16.69
C SER B 315 -19.59 -4.27 16.97
N GLY B 316 -19.61 -3.40 15.98
CA GLY B 316 -18.88 -2.14 16.11
C GLY B 316 -17.39 -2.35 16.25
N VAL B 317 -16.83 -3.29 15.50
CA VAL B 317 -15.46 -3.74 15.65
C VAL B 317 -14.58 -3.06 14.61
N GLY B 318 -13.37 -2.68 15.02
CA GLY B 318 -12.40 -2.13 14.09
C GLY B 318 -11.58 -3.22 13.45
N VAL B 319 -11.42 -3.15 12.13
CA VAL B 319 -10.68 -4.15 11.37
C VAL B 319 -9.63 -3.45 10.52
N ALA B 320 -8.41 -3.97 10.55
CA ALA B 320 -7.31 -3.41 9.77
C ALA B 320 -6.39 -4.55 9.34
N VAL B 321 -5.58 -4.28 8.32
CA VAL B 321 -4.68 -5.26 7.72
C VAL B 321 -3.25 -4.79 7.91
N LEU B 322 -2.40 -5.68 8.42
CA LEU B 322 -0.99 -5.39 8.62
C LEU B 322 -0.13 -6.63 8.42
#